data_7LWG
#
_entry.id   7LWG
#
_cell.length_a   31.786
_cell.length_b   72.939
_cell.length_c   55.336
_cell.angle_alpha   90.00
_cell.angle_beta   106.32
_cell.angle_gamma   90.00
#
_symmetry.space_group_name_H-M   'P 1 21 1'
#
loop_
_entity.id
_entity.type
_entity.pdbx_description
1 polymer 'B-cell lymphoma 6 protein'
2 non-polymer "5-{(5S)-1-[2-({3-chloro-6-[(2S)-2,4-dimethylpiperazin-1-yl]-2-fluoropyridin-4-yl}amino)-2-oxoethyl]-4-oxo-4,6,7,8-tetrahydro-1H-dipyrrolo[1,2-a:2',3'-d]pyrimidin-3-yl}-3,4-difluoro-2-hydroxybenzamide"
3 non-polymer GLYCEROL
4 non-polymer 'UNKNOWN ATOM OR ION'
5 water water
#
_entity_poly.entity_id   1
_entity_poly.type   'polypeptide(L)'
_entity_poly.pdbx_seq_one_letter_code
;ADSQIQFTRHASDVLLNLNRLRSRDILTDVVIVVSREQFRAHKTVLMACSGLFYSIFTDQLKRNLSVINLDPEINPEGFN
ILLDFMYTSRLNLREGNIMAVMATAMYLQMEHVVDTCRKFIKASE
;
_entity_poly.pdbx_strand_id   A,B
#
# COMPACT_ATOMS: atom_id res chain seq x y z
N SER A 3 -13.46 -15.95 8.98
CA SER A 3 -14.01 -16.90 8.03
C SER A 3 -14.36 -16.28 6.67
N GLN A 4 -13.80 -15.10 6.38
CA GLN A 4 -14.05 -14.44 5.11
C GLN A 4 -13.25 -15.12 3.98
N ILE A 5 -13.61 -14.78 2.73
CA ILE A 5 -12.88 -15.28 1.56
C ILE A 5 -11.57 -14.51 1.44
N GLN A 6 -10.46 -15.26 1.39
CA GLN A 6 -9.13 -14.68 1.31
CA GLN A 6 -9.13 -14.68 1.32
C GLN A 6 -8.64 -14.70 -0.13
N PHE A 7 -8.15 -13.57 -0.60
CA PHE A 7 -7.56 -13.46 -1.93
C PHE A 7 -6.05 -13.47 -1.73
N THR A 8 -5.43 -14.63 -1.96
CA THR A 8 -4.04 -14.84 -1.58
C THR A 8 -3.04 -13.97 -2.34
N ARG A 9 -3.38 -13.51 -3.53
N ARG A 9 -3.39 -13.50 -3.53
CA ARG A 9 -2.48 -12.66 -4.31
CA ARG A 9 -2.49 -12.67 -4.31
C ARG A 9 -2.77 -11.17 -4.17
C ARG A 9 -2.77 -11.17 -4.16
N HIS A 10 -3.81 -10.80 -3.41
CA HIS A 10 -4.22 -9.40 -3.39
C HIS A 10 -3.11 -8.48 -2.88
N ALA A 11 -2.50 -8.81 -1.73
CA ALA A 11 -1.55 -7.88 -1.16
C ALA A 11 -0.35 -7.67 -2.08
N SER A 12 0.14 -8.74 -2.70
CA SER A 12 1.27 -8.55 -3.61
CA SER A 12 1.25 -8.62 -3.63
C SER A 12 0.87 -7.80 -4.87
N ASP A 13 -0.36 -7.99 -5.36
CA ASP A 13 -0.85 -7.19 -6.49
C ASP A 13 -0.94 -5.71 -6.12
N VAL A 14 -1.43 -5.40 -4.91
CA VAL A 14 -1.47 -4.01 -4.46
C VAL A 14 -0.08 -3.43 -4.45
N LEU A 15 0.87 -4.16 -3.85
CA LEU A 15 2.23 -3.63 -3.72
C LEU A 15 2.86 -3.40 -5.09
N LEU A 16 2.65 -4.31 -6.03
CA LEU A 16 3.14 -4.10 -7.38
C LEU A 16 2.58 -2.80 -7.96
N ASN A 17 1.29 -2.56 -7.78
CA ASN A 17 0.70 -1.36 -8.31
C ASN A 17 1.23 -0.11 -7.62
N LEU A 18 1.47 -0.18 -6.30
CA LEU A 18 2.11 0.95 -5.61
C LEU A 18 3.49 1.24 -6.17
N ASN A 19 4.27 0.20 -6.48
CA ASN A 19 5.58 0.38 -7.10
C ASN A 19 5.44 0.98 -8.50
N ARG A 20 4.43 0.55 -9.25
CA ARG A 20 4.16 1.18 -10.55
C ARG A 20 3.90 2.68 -10.39
N LEU A 21 3.08 3.05 -9.40
CA LEU A 21 2.83 4.47 -9.17
C LEU A 21 4.12 5.19 -8.81
N ARG A 22 4.96 4.58 -7.98
CA ARG A 22 6.22 5.21 -7.63
C ARG A 22 7.08 5.42 -8.88
N SER A 23 7.15 4.42 -9.75
CA SER A 23 7.99 4.50 -10.94
C SER A 23 7.53 5.61 -11.89
N ARG A 24 6.24 5.96 -11.85
CA ARG A 24 5.66 7.00 -12.67
C ARG A 24 5.55 8.33 -11.93
N ASP A 25 5.97 8.37 -10.67
CA ASP A 25 5.92 9.57 -9.84
C ASP A 25 4.49 10.06 -9.65
N ILE A 26 3.56 9.13 -9.45
CA ILE A 26 2.14 9.43 -9.27
C ILE A 26 1.83 9.42 -7.78
N LEU A 27 1.41 10.58 -7.27
CA LEU A 27 0.97 10.78 -5.89
C LEU A 27 2.08 10.62 -4.88
N THR A 28 3.33 10.59 -5.33
CA THR A 28 4.43 10.68 -4.39
C THR A 28 4.36 12.03 -3.69
N ASP A 29 4.77 12.04 -2.42
CA ASP A 29 4.57 13.21 -1.59
C ASP A 29 5.79 13.53 -0.75
N VAL A 30 6.92 12.89 -0.99
CA VAL A 30 8.12 13.19 -0.21
C VAL A 30 9.34 12.82 -1.03
N VAL A 31 10.40 13.58 -0.80
CA VAL A 31 11.72 13.21 -1.27
CA VAL A 31 11.76 13.30 -1.27
C VAL A 31 12.60 12.97 -0.05
N ILE A 32 13.24 11.81 -0.04
CA ILE A 32 14.16 11.43 1.01
C ILE A 32 15.56 11.73 0.49
N VAL A 33 16.34 12.49 1.26
CA VAL A 33 17.68 12.89 0.87
C VAL A 33 18.66 12.10 1.71
N VAL A 34 19.58 11.41 1.06
CA VAL A 34 20.64 10.66 1.73
C VAL A 34 21.95 11.15 1.12
N SER A 35 22.65 12.00 1.85
CA SER A 35 23.84 12.65 1.31
C SER A 35 23.53 13.31 -0.02
N ARG A 36 24.21 12.90 -1.10
CA ARG A 36 23.99 13.57 -2.37
C ARG A 36 22.81 13.01 -3.16
N GLU A 37 22.17 11.95 -2.68
CA GLU A 37 21.16 11.25 -3.47
C GLU A 37 19.77 11.54 -2.95
N GLN A 38 18.81 11.55 -3.87
CA GLN A 38 17.41 11.83 -3.60
C GLN A 38 16.54 10.66 -4.06
N PHE A 39 15.49 10.39 -3.28
CA PHE A 39 14.57 9.29 -3.56
C PHE A 39 13.14 9.76 -3.33
N ARG A 40 12.31 9.74 -4.37
CA ARG A 40 10.90 10.08 -4.19
C ARG A 40 10.10 8.85 -3.77
N ALA A 41 9.11 9.06 -2.92
CA ALA A 41 8.32 7.94 -2.41
C ALA A 41 6.98 8.43 -1.93
N HIS A 42 6.18 7.47 -1.49
CA HIS A 42 4.90 7.71 -0.83
C HIS A 42 5.12 7.60 0.68
N LYS A 43 4.79 8.65 1.41
CA LYS A 43 4.88 8.61 2.87
C LYS A 43 4.16 7.40 3.45
N THR A 44 2.98 7.07 2.92
CA THR A 44 2.23 5.96 3.50
C THR A 44 2.98 4.64 3.39
N VAL A 45 3.64 4.39 2.26
CA VAL A 45 4.41 3.17 2.13
C VAL A 45 5.61 3.19 3.07
N LEU A 46 6.31 4.31 3.14
CA LEU A 46 7.45 4.40 4.05
C LEU A 46 7.03 4.11 5.49
N MET A 47 5.92 4.71 5.93
CA MET A 47 5.41 4.52 7.29
C MET A 47 4.97 3.09 7.53
N ALA A 48 4.47 2.41 6.50
CA ALA A 48 4.02 1.04 6.64
C ALA A 48 5.17 0.06 6.68
N CYS A 49 6.36 0.51 6.32
CA CYS A 49 7.52 -0.37 6.17
C CYS A 49 8.65 -0.09 7.15
N SER A 50 8.61 1.00 7.90
CA SER A 50 9.78 1.45 8.64
C SER A 50 9.35 2.13 9.93
N GLY A 51 9.91 1.68 11.06
CA GLY A 51 9.65 2.34 12.33
C GLY A 51 10.11 3.79 12.35
N LEU A 52 11.25 4.08 11.73
CA LEU A 52 11.72 5.46 11.69
C LEU A 52 10.75 6.33 10.92
N PHE A 53 10.33 5.88 9.73
CA PHE A 53 9.44 6.70 8.92
C PHE A 53 8.06 6.84 9.56
N TYR A 54 7.56 5.80 10.23
CA TYR A 54 6.32 5.98 10.99
C TYR A 54 6.47 7.08 12.02
N SER A 55 7.58 7.09 12.75
CA SER A 55 7.81 8.14 13.75
C SER A 55 7.95 9.51 13.11
N ILE A 56 8.69 9.62 12.01
CA ILE A 56 8.88 10.91 11.36
C ILE A 56 7.54 11.49 10.90
N PHE A 57 6.74 10.68 10.20
CA PHE A 57 5.56 11.22 9.54
C PHE A 57 4.34 11.31 10.44
N THR A 58 4.47 10.90 11.69
CA THR A 58 3.44 11.18 12.72
C THR A 58 3.96 12.27 13.67
N ASP A 59 5.16 12.81 13.49
CA ASP A 59 5.72 13.89 14.32
C ASP A 59 5.10 15.20 13.85
N GLN A 60 4.62 16.06 14.76
CA GLN A 60 4.00 17.36 14.35
C GLN A 60 5.00 18.22 13.55
N LEU A 61 6.27 18.17 13.90
CA LEU A 61 7.35 18.96 13.26
C LEU A 61 7.59 18.54 11.82
N LYS A 62 7.42 17.25 11.50
CA LYS A 62 7.87 16.71 10.20
C LYS A 62 6.77 16.11 9.33
N ARG A 63 5.56 15.93 9.84
CA ARG A 63 4.50 15.23 9.08
C ARG A 63 4.18 15.95 7.77
N ASN A 64 4.22 17.28 7.72
CA ASN A 64 3.87 18.04 6.49
C ASN A 64 5.07 18.39 5.62
N LEU A 65 6.27 17.94 5.97
CA LEU A 65 7.46 18.27 5.16
C LEU A 65 7.43 17.52 3.83
N SER A 66 7.90 18.15 2.75
CA SER A 66 8.00 17.48 1.42
C SER A 66 9.41 16.93 1.23
N VAL A 67 10.38 17.27 2.10
CA VAL A 67 11.75 16.82 2.01
C VAL A 67 12.19 16.36 3.39
N ILE A 68 12.77 15.17 3.48
CA ILE A 68 13.32 14.64 4.73
C ILE A 68 14.78 14.34 4.47
N ASN A 69 15.66 14.94 5.26
CA ASN A 69 17.08 14.65 5.17
C ASN A 69 17.41 13.57 6.20
N LEU A 70 17.86 12.42 5.73
CA LEU A 70 18.36 11.40 6.64
C LEU A 70 19.81 11.69 6.99
N ASP A 71 20.31 10.94 7.96
CA ASP A 71 21.71 11.04 8.38
C ASP A 71 22.61 10.83 7.16
N PRO A 72 23.48 11.79 6.84
CA PRO A 72 24.32 11.65 5.63
C PRO A 72 25.39 10.59 5.73
N GLU A 73 25.59 10.00 6.89
CA GLU A 73 26.48 8.82 7.04
C GLU A 73 25.80 7.55 6.50
N ILE A 74 24.49 7.58 6.24
CA ILE A 74 23.83 6.41 5.68
C ILE A 74 24.28 6.24 4.24
N ASN A 75 24.61 5.00 3.89
CA ASN A 75 25.01 4.66 2.54
C ASN A 75 23.80 4.74 1.61
N PRO A 76 23.83 5.59 0.58
CA PRO A 76 22.66 5.70 -0.30
C PRO A 76 22.30 4.41 -1.02
N GLU A 77 23.28 3.56 -1.38
CA GLU A 77 22.93 2.28 -1.98
C GLU A 77 22.20 1.39 -0.98
N GLY A 78 22.68 1.35 0.26
CA GLY A 78 21.97 0.60 1.28
C GLY A 78 20.55 1.08 1.44
N PHE A 79 20.36 2.40 1.46
CA PHE A 79 19.01 2.93 1.52
C PHE A 79 18.18 2.47 0.31
N ASN A 80 18.76 2.55 -0.88
CA ASN A 80 18.00 2.22 -2.08
C ASN A 80 17.62 0.74 -2.10
N ILE A 81 18.50 -0.12 -1.60
CA ILE A 81 18.17 -1.54 -1.51
C ILE A 81 16.94 -1.73 -0.65
N LEU A 82 16.88 -1.00 0.46
CA LEU A 82 15.77 -1.14 1.39
C LEU A 82 14.50 -0.51 0.86
N LEU A 83 14.61 0.62 0.14
CA LEU A 83 13.45 1.24 -0.46
C LEU A 83 12.85 0.32 -1.51
N ASP A 84 13.70 -0.31 -2.33
CA ASP A 84 13.21 -1.29 -3.30
C ASP A 84 12.54 -2.46 -2.60
N PHE A 85 13.13 -2.95 -1.52
CA PHE A 85 12.50 -3.98 -0.71
C PHE A 85 11.12 -3.56 -0.25
N MET A 86 11.00 -2.34 0.26
CA MET A 86 9.70 -1.88 0.75
C MET A 86 8.64 -2.08 -0.31
N TYR A 87 8.96 -1.74 -1.56
CA TYR A 87 7.99 -1.74 -2.66
C TYR A 87 7.91 -3.05 -3.44
N THR A 88 8.73 -4.05 -3.13
CA THR A 88 8.76 -5.31 -3.91
C THR A 88 8.76 -6.58 -3.10
N SER A 89 9.08 -6.54 -1.80
CA SER A 89 9.26 -7.72 -0.96
C SER A 89 10.54 -8.49 -1.26
N ARG A 90 11.41 -7.96 -2.12
CA ARG A 90 12.65 -8.61 -2.52
C ARG A 90 13.82 -7.81 -1.99
N LEU A 91 14.71 -8.50 -1.26
CA LEU A 91 15.85 -7.85 -0.62
C LEU A 91 17.13 -8.34 -1.30
N ASN A 92 17.86 -7.42 -1.94
CA ASN A 92 19.06 -7.76 -2.71
C ASN A 92 20.29 -7.69 -1.81
N LEU A 93 20.44 -8.71 -0.96
CA LEU A 93 21.62 -8.85 -0.11
C LEU A 93 22.74 -9.55 -0.85
N ARG A 94 23.95 -9.01 -0.70
CA ARG A 94 25.15 -9.60 -1.26
C ARG A 94 26.29 -9.34 -0.28
N GLU A 95 27.39 -10.09 -0.40
CA GLU A 95 28.51 -9.90 0.50
C GLU A 95 29.02 -8.47 0.42
N GLY A 96 28.98 -7.88 -0.76
CA GLY A 96 29.41 -6.52 -0.98
C GLY A 96 28.56 -5.41 -0.36
N ASN A 97 27.34 -5.75 0.07
CA ASN A 97 26.46 -4.75 0.66
C ASN A 97 25.88 -5.11 2.01
N ILE A 98 26.20 -6.28 2.57
CA ILE A 98 25.45 -6.77 3.72
C ILE A 98 25.60 -5.82 4.90
N MET A 99 26.81 -5.31 5.13
CA MET A 99 27.02 -4.48 6.31
C MET A 99 26.28 -3.17 6.18
N ALA A 100 26.31 -2.56 5.00
CA ALA A 100 25.61 -1.29 4.81
C ALA A 100 24.10 -1.48 4.91
N VAL A 101 23.58 -2.57 4.32
CA VAL A 101 22.15 -2.83 4.40
C VAL A 101 21.74 -3.05 5.84
N MET A 102 22.53 -3.85 6.58
CA MET A 102 22.16 -4.15 7.96
C MET A 102 22.15 -2.90 8.83
N ALA A 103 23.19 -2.06 8.70
CA ALA A 103 23.23 -0.84 9.49
C ALA A 103 22.12 0.13 9.10
N THR A 104 21.78 0.18 7.80
CA THR A 104 20.69 1.05 7.38
C THR A 104 19.36 0.54 7.89
N ALA A 105 19.15 -0.79 7.87
CA ALA A 105 17.92 -1.37 8.40
C ALA A 105 17.76 -1.13 9.90
N MET A 106 18.86 -1.12 10.64
CA MET A 106 18.80 -0.74 12.05
C MET A 106 18.27 0.68 12.19
N TYR A 107 18.87 1.60 11.44
CA TYR A 107 18.49 3.00 11.49
C TYR A 107 17.03 3.19 11.09
N LEU A 108 16.60 2.51 10.02
CA LEU A 108 15.21 2.59 9.57
C LEU A 108 14.23 1.82 10.44
N GLN A 109 14.72 0.99 11.36
CA GLN A 109 13.89 0.20 12.26
C GLN A 109 13.02 -0.79 11.47
N MET A 110 13.71 -1.69 10.78
CA MET A 110 13.13 -2.75 9.95
C MET A 110 13.66 -4.05 10.55
N GLU A 111 12.95 -4.57 11.54
CA GLU A 111 13.50 -5.61 12.41
C GLU A 111 13.70 -6.93 11.66
N HIS A 112 12.75 -7.35 10.83
CA HIS A 112 12.93 -8.61 10.11
C HIS A 112 14.04 -8.52 9.08
N VAL A 113 14.24 -7.36 8.47
CA VAL A 113 15.42 -7.18 7.63
C VAL A 113 16.69 -7.40 8.45
N VAL A 114 16.79 -6.75 9.62
CA VAL A 114 18.00 -6.91 10.42
C VAL A 114 18.21 -8.37 10.78
N ASP A 115 17.14 -9.05 11.18
N ASP A 115 17.14 -9.04 11.15
CA ASP A 115 17.26 -10.46 11.53
CA ASP A 115 17.23 -10.43 11.52
C ASP A 115 17.77 -11.28 10.34
C ASP A 115 17.75 -11.26 10.33
N THR A 116 17.25 -10.97 9.15
CA THR A 116 17.68 -11.71 7.95
C THR A 116 19.15 -11.40 7.62
N CYS A 117 19.59 -10.16 7.83
CA CYS A 117 21.00 -9.83 7.67
C CYS A 117 21.87 -10.64 8.61
N ARG A 118 21.44 -10.78 9.87
CA ARG A 118 22.18 -11.62 10.81
C ARG A 118 22.25 -13.05 10.32
N LYS A 119 21.13 -13.57 9.81
CA LYS A 119 21.07 -14.95 9.27
C LYS A 119 21.96 -15.06 8.03
N PHE A 120 22.09 -14.03 7.21
CA PHE A 120 22.97 -14.04 6.05
C PHE A 120 24.42 -14.15 6.47
N ILE A 121 24.79 -13.42 7.53
CA ILE A 121 26.11 -13.55 8.12
C ILE A 121 26.33 -14.98 8.62
N LYS A 122 25.35 -15.56 9.31
CA LYS A 122 25.48 -16.93 9.78
C LYS A 122 25.70 -17.89 8.62
N ALA A 123 25.06 -17.63 7.47
CA ALA A 123 25.11 -18.51 6.32
C ALA A 123 26.38 -18.35 5.49
N SER A 124 27.17 -17.31 5.75
CA SER A 124 28.43 -17.11 5.04
C SER A 124 29.60 -17.03 6.01
N GLN B 4 17.15 -12.21 -5.65
CA GLN B 4 16.95 -11.48 -4.40
C GLN B 4 16.19 -12.36 -3.38
N ILE B 5 16.31 -12.05 -2.10
CA ILE B 5 15.64 -12.80 -1.04
C ILE B 5 14.19 -12.33 -0.94
N GLN B 6 13.25 -13.26 -1.04
CA GLN B 6 11.83 -12.95 -1.00
C GLN B 6 11.31 -13.05 0.43
N PHE B 7 10.57 -12.02 0.87
CA PHE B 7 9.89 -12.01 2.16
C PHE B 7 8.41 -12.24 1.89
N THR B 8 7.95 -13.48 2.11
CA THR B 8 6.60 -13.87 1.73
C THR B 8 5.50 -13.15 2.50
N ARG B 9 5.78 -12.63 3.70
CA ARG B 9 4.79 -11.96 4.52
C ARG B 9 4.80 -10.45 4.34
N HIS B 10 5.78 -9.92 3.62
CA HIS B 10 5.95 -8.47 3.54
C HIS B 10 4.72 -7.77 2.98
N ALA B 11 4.19 -8.20 1.83
CA ALA B 11 3.12 -7.45 1.23
C ALA B 11 1.89 -7.41 2.14
N SER B 12 1.57 -8.52 2.78
CA SER B 12 0.43 -8.52 3.67
CA SER B 12 0.45 -8.56 3.69
C SER B 12 0.68 -7.65 4.89
N ASP B 13 1.92 -7.63 5.39
CA ASP B 13 2.23 -6.73 6.51
C ASP B 13 2.10 -5.28 6.10
N VAL B 14 2.59 -4.92 4.91
CA VAL B 14 2.42 -3.54 4.41
C VAL B 14 0.95 -3.18 4.36
N LEU B 15 0.14 -4.06 3.77
CA LEU B 15 -1.28 -3.76 3.63
C LEU B 15 -1.96 -3.59 4.99
N LEU B 16 -1.61 -4.45 5.95
CA LEU B 16 -2.13 -4.31 7.31
C LEU B 16 -1.78 -2.93 7.86
N ASN B 17 -0.54 -2.48 7.65
CA ASN B 17 -0.17 -1.17 8.17
C ASN B 17 -0.87 -0.04 7.44
N LEU B 18 -1.11 -0.19 6.14
CA LEU B 18 -1.90 0.82 5.42
C LEU B 18 -3.32 0.87 5.98
N ASN B 19 -3.88 -0.29 6.30
CA ASN B 19 -5.19 -0.30 6.93
C ASN B 19 -5.18 0.38 8.31
N ARG B 20 -4.12 0.18 9.09
N ARG B 20 -4.10 0.22 9.07
CA ARG B 20 -3.97 0.93 10.34
CA ARG B 20 -3.98 0.92 10.35
C ARG B 20 -3.99 2.43 10.08
C ARG B 20 -3.92 2.43 10.13
N LEU B 21 -3.20 2.90 9.10
CA LEU B 21 -3.20 4.31 8.79
C LEU B 21 -4.60 4.80 8.42
N ARG B 22 -5.31 4.03 7.60
CA ARG B 22 -6.67 4.41 7.23
C ARG B 22 -7.55 4.55 8.48
N SER B 23 -7.52 3.56 9.37
CA SER B 23 -8.34 3.60 10.58
C SER B 23 -8.02 4.82 11.43
N ARG B 24 -6.77 5.23 11.46
CA ARG B 24 -6.31 6.38 12.22
C ARG B 24 -6.45 7.69 11.45
N ASP B 25 -6.93 7.63 10.20
CA ASP B 25 -7.06 8.81 9.35
C ASP B 25 -5.72 9.51 9.13
N ILE B 26 -4.64 8.72 9.04
CA ILE B 26 -3.32 9.28 8.81
C ILE B 26 -3.02 9.29 7.32
N LEU B 27 -2.82 10.48 6.77
CA LEU B 27 -2.43 10.74 5.40
C LEU B 27 -3.48 10.32 4.39
N THR B 28 -4.68 10.05 4.82
CA THR B 28 -5.78 9.93 3.88
C THR B 28 -5.94 11.24 3.12
N ASP B 29 -6.27 11.13 1.85
CA ASP B 29 -6.27 12.30 0.98
C ASP B 29 -7.52 12.38 0.12
N VAL B 30 -8.53 11.56 0.40
CA VAL B 30 -9.79 11.65 -0.32
C VAL B 30 -10.91 11.14 0.56
N VAL B 31 -12.09 11.73 0.38
CA VAL B 31 -13.33 11.18 0.92
C VAL B 31 -14.16 10.70 -0.26
N ILE B 32 -14.62 9.45 -0.16
CA ILE B 32 -15.53 8.85 -1.15
C ILE B 32 -16.93 8.95 -0.56
N VAL B 33 -17.83 9.58 -1.30
CA VAL B 33 -19.20 9.79 -0.85
C VAL B 33 -20.10 8.83 -1.61
N VAL B 34 -20.87 8.03 -0.87
CA VAL B 34 -21.73 6.99 -1.45
C VAL B 34 -23.09 7.21 -0.81
N SER B 35 -23.98 7.87 -1.53
CA SER B 35 -25.25 8.36 -0.99
C SER B 35 -24.92 9.42 0.05
N ARG B 36 -25.26 9.19 1.31
CA ARG B 36 -24.87 10.12 2.35
C ARG B 36 -23.63 9.67 3.10
N GLU B 37 -23.14 8.46 2.84
CA GLU B 37 -22.08 7.87 3.65
C GLU B 37 -20.72 8.34 3.13
N GLN B 38 -19.81 8.59 4.06
CA GLN B 38 -18.48 9.09 3.72
C GLN B 38 -17.41 8.09 4.14
N PHE B 39 -16.48 7.81 3.23
CA PHE B 39 -15.39 6.88 3.48
C PHE B 39 -14.07 7.56 3.16
N ARG B 40 -13.21 7.69 4.14
CA ARG B 40 -11.89 8.24 3.85
C ARG B 40 -10.92 7.14 3.46
N ALA B 41 -9.99 7.49 2.58
CA ALA B 41 -9.06 6.51 2.06
C ALA B 41 -7.82 7.20 1.52
N HIS B 42 -6.89 6.39 1.07
CA HIS B 42 -5.68 6.84 0.38
C HIS B 42 -5.85 6.60 -1.11
N LYS B 43 -5.69 7.66 -1.92
CA LYS B 43 -5.87 7.53 -3.36
C LYS B 43 -4.92 6.50 -3.96
N THR B 44 -3.70 6.37 -3.42
CA THR B 44 -2.79 5.36 -3.94
C THR B 44 -3.37 3.96 -3.81
N VAL B 45 -3.97 3.64 -2.65
CA VAL B 45 -4.56 2.32 -2.47
C VAL B 45 -5.75 2.15 -3.41
N LEU B 46 -6.56 3.20 -3.53
CA LEU B 46 -7.71 3.09 -4.42
C LEU B 46 -7.27 2.84 -5.85
N MET B 47 -6.24 3.56 -6.31
CA MET B 47 -5.74 3.34 -7.68
C MET B 47 -5.19 1.94 -7.84
N ALA B 48 -4.53 1.43 -6.80
CA ALA B 48 -3.92 0.11 -6.84
C ALA B 48 -4.94 -0.99 -6.86
N CYS B 49 -6.18 -0.73 -6.42
CA CYS B 49 -7.18 -1.78 -6.21
C CYS B 49 -8.39 -1.72 -7.13
N SER B 50 -8.55 -0.66 -7.92
CA SER B 50 -9.81 -0.44 -8.62
C SER B 50 -9.53 0.18 -9.97
N GLY B 51 -10.07 -0.40 -11.03
CA GLY B 51 -9.89 0.20 -12.34
C GLY B 51 -10.56 1.56 -12.43
N LEU B 52 -11.71 1.72 -11.77
CA LEU B 52 -12.37 3.03 -11.81
C LEU B 52 -11.50 4.10 -11.17
N PHE B 53 -11.02 3.85 -9.95
CA PHE B 53 -10.21 4.88 -9.28
C PHE B 53 -8.87 5.08 -9.99
N TYR B 54 -8.29 4.01 -10.56
CA TYR B 54 -7.09 4.18 -11.35
C TYR B 54 -7.35 5.13 -12.51
N SER B 55 -8.43 4.92 -13.23
CA SER B 55 -8.71 5.76 -14.38
CA SER B 55 -8.73 5.75 -14.39
C SER B 55 -8.99 7.19 -13.97
N ILE B 56 -9.65 7.40 -12.82
CA ILE B 56 -9.97 8.75 -12.37
C ILE B 56 -8.69 9.49 -12.02
N PHE B 57 -7.90 8.94 -11.10
CA PHE B 57 -6.80 9.70 -10.52
C PHE B 57 -5.56 9.75 -11.40
N THR B 58 -5.44 8.88 -12.42
N THR B 58 -5.48 8.89 -12.41
CA THR B 58 -4.36 9.06 -13.38
CA THR B 58 -4.39 9.01 -13.38
C THR B 58 -4.52 10.39 -14.11
C THR B 58 -4.52 10.28 -14.22
N ASP B 59 -5.75 10.78 -14.40
CA ASP B 59 -6.00 12.01 -15.14
C ASP B 59 -5.41 13.19 -14.37
N GLN B 60 -4.53 13.94 -15.04
CA GLN B 60 -3.87 15.07 -14.40
C GLN B 60 -4.86 16.07 -13.82
N LEU B 61 -6.02 16.23 -14.46
CA LEU B 61 -6.99 17.22 -14.02
C LEU B 61 -7.88 16.72 -12.90
N LYS B 62 -7.79 15.43 -12.56
CA LYS B 62 -8.54 14.86 -11.47
C LYS B 62 -7.65 14.30 -10.37
N ARG B 63 -6.33 14.30 -10.58
CA ARG B 63 -5.37 13.69 -9.66
C ARG B 63 -5.51 14.25 -8.25
N ASN B 64 -5.76 15.55 -8.11
CA ASN B 64 -5.69 16.24 -6.83
C ASN B 64 -7.06 16.37 -6.14
N LEU B 65 -8.11 15.75 -6.69
CA LEU B 65 -9.43 15.83 -6.07
C LEU B 65 -9.42 15.24 -4.66
N SER B 66 -10.07 15.94 -3.74
CA SER B 66 -10.16 15.49 -2.36
C SER B 66 -11.52 14.87 -2.02
N VAL B 67 -12.48 14.93 -2.94
CA VAL B 67 -13.82 14.38 -2.76
C VAL B 67 -14.21 13.71 -4.07
N ILE B 68 -14.73 12.49 -3.98
CA ILE B 68 -15.32 11.79 -5.12
C ILE B 68 -16.72 11.38 -4.73
N ASN B 69 -17.70 11.78 -5.51
CA ASN B 69 -19.08 11.35 -5.33
C ASN B 69 -19.33 10.17 -6.25
N LEU B 70 -19.57 9.01 -5.67
CA LEU B 70 -19.90 7.85 -6.50
C LEU B 70 -21.35 7.92 -6.94
N ASP B 71 -21.66 7.13 -7.95
CA ASP B 71 -23.03 6.95 -8.43
C ASP B 71 -23.95 6.76 -7.21
N PRO B 72 -25.00 7.57 -7.04
CA PRO B 72 -25.90 7.41 -5.87
C PRO B 72 -26.69 6.10 -5.82
N GLU B 73 -26.74 5.33 -6.90
CA GLU B 73 -27.38 4.02 -6.85
C GLU B 73 -26.51 2.94 -6.22
N ILE B 74 -25.22 3.22 -6.00
CA ILE B 74 -24.34 2.25 -5.37
C ILE B 74 -24.74 2.06 -3.91
N ASN B 75 -24.83 0.80 -3.49
CA ASN B 75 -25.19 0.46 -2.12
C ASN B 75 -24.01 0.74 -1.19
N PRO B 76 -24.17 1.58 -0.17
CA PRO B 76 -23.01 1.92 0.67
C PRO B 76 -22.40 0.74 1.39
N GLU B 77 -23.19 -0.26 1.79
CA GLU B 77 -22.59 -1.44 2.40
C GLU B 77 -21.78 -2.23 1.38
N GLY B 78 -22.24 -2.30 0.13
CA GLY B 78 -21.42 -2.92 -0.90
C GLY B 78 -20.07 -2.23 -1.04
N PHE B 79 -20.08 -0.89 -1.04
CA PHE B 79 -18.80 -0.17 -1.11
C PHE B 79 -17.98 -0.42 0.14
N ASN B 80 -18.61 -0.39 1.31
CA ASN B 80 -17.91 -0.65 2.58
C ASN B 80 -17.19 -1.99 2.54
N ILE B 81 -17.87 -3.04 2.05
CA ILE B 81 -17.28 -4.38 1.93
C ILE B 81 -16.07 -4.35 1.02
N LEU B 82 -16.18 -3.66 -0.11
CA LEU B 82 -15.10 -3.65 -1.08
C LEU B 82 -13.93 -2.78 -0.63
N LEU B 83 -14.19 -1.65 0.04
CA LEU B 83 -13.10 -0.87 0.61
C LEU B 83 -12.33 -1.67 1.66
N ASP B 84 -13.05 -2.38 2.53
CA ASP B 84 -12.38 -3.25 3.49
C ASP B 84 -11.56 -4.30 2.76
N PHE B 85 -12.12 -4.90 1.70
CA PHE B 85 -11.36 -5.87 0.95
C PHE B 85 -10.07 -5.25 0.40
N MET B 86 -10.16 -4.05 -0.17
CA MET B 86 -8.96 -3.42 -0.73
C MET B 86 -7.84 -3.39 0.30
N TYR B 87 -8.17 -3.07 1.55
CA TYR B 87 -7.19 -2.87 2.60
C TYR B 87 -6.89 -4.12 3.43
N THR B 88 -7.51 -5.28 3.14
CA THR B 88 -7.33 -6.47 3.96
C THR B 88 -7.14 -7.77 3.19
N SER B 89 -7.53 -7.84 1.92
CA SER B 89 -7.55 -9.07 1.11
C SER B 89 -8.66 -10.01 1.50
N ARG B 90 -9.56 -9.60 2.40
N ARG B 90 -9.59 -9.59 2.36
CA ARG B 90 -10.66 -10.43 2.87
CA ARG B 90 -10.65 -10.46 2.86
C ARG B 90 -11.97 -9.84 2.34
C ARG B 90 -12.00 -9.88 2.44
N LEU B 91 -12.80 -10.70 1.77
CA LEU B 91 -14.07 -10.30 1.19
C LEU B 91 -15.19 -10.96 1.96
N ASN B 92 -16.07 -10.14 2.56
CA ASN B 92 -17.17 -10.65 3.36
C ASN B 92 -18.40 -10.82 2.47
N LEU B 93 -18.55 -12.00 1.88
CA LEU B 93 -19.67 -12.31 0.99
C LEU B 93 -20.70 -13.15 1.71
N ARG B 94 -21.95 -12.77 1.59
CA ARG B 94 -23.07 -13.47 2.23
C ARG B 94 -24.19 -13.49 1.22
N GLU B 95 -25.19 -14.36 1.39
CA GLU B 95 -26.31 -14.35 0.47
C GLU B 95 -27.04 -13.01 0.50
N GLY B 96 -27.03 -12.31 1.64
CA GLY B 96 -27.74 -11.05 1.75
C GLY B 96 -27.04 -9.85 1.17
N ASN B 97 -25.76 -10.00 0.78
CA ASN B 97 -25.03 -8.89 0.21
C ASN B 97 -24.43 -9.20 -1.16
N ILE B 98 -24.58 -10.43 -1.67
CA ILE B 98 -23.82 -10.85 -2.85
C ILE B 98 -24.16 -9.98 -4.06
N MET B 99 -25.43 -9.71 -4.27
CA MET B 99 -25.80 -8.97 -5.47
C MET B 99 -25.29 -7.55 -5.42
N ALA B 100 -25.35 -6.90 -4.26
CA ALA B 100 -24.84 -5.54 -4.10
C ALA B 100 -23.32 -5.50 -4.24
N VAL B 101 -22.63 -6.47 -3.64
CA VAL B 101 -21.17 -6.51 -3.77
C VAL B 101 -20.78 -6.70 -5.23
N MET B 102 -21.46 -7.63 -5.90
CA MET B 102 -21.13 -7.92 -7.29
C MET B 102 -21.32 -6.70 -8.17
N ALA B 103 -22.48 -6.04 -8.07
CA ALA B 103 -22.74 -4.87 -8.89
C ALA B 103 -21.76 -3.75 -8.57
N THR B 104 -21.41 -3.59 -7.30
CA THR B 104 -20.44 -2.54 -6.92
C THR B 104 -19.05 -2.87 -7.46
N ALA B 105 -18.66 -4.14 -7.43
CA ALA B 105 -17.36 -4.55 -7.96
C ALA B 105 -17.28 -4.38 -9.47
N MET B 106 -18.39 -4.57 -10.18
CA MET B 106 -18.42 -4.27 -11.60
C MET B 106 -18.13 -2.79 -11.83
N TYR B 107 -18.82 -1.94 -11.08
CA TYR B 107 -18.66 -0.49 -11.21
C TYR B 107 -17.26 -0.07 -10.84
N LEU B 108 -16.70 -0.63 -9.77
CA LEU B 108 -15.34 -0.28 -9.37
C LEU B 108 -14.27 -0.94 -10.24
N GLN B 109 -14.66 -1.87 -11.11
CA GLN B 109 -13.74 -2.58 -12.01
C GLN B 109 -12.73 -3.40 -11.22
N MET B 110 -13.25 -4.35 -10.46
CA MET B 110 -12.48 -5.28 -9.62
C MET B 110 -12.84 -6.67 -10.14
N GLU B 111 -12.10 -7.14 -11.16
N GLU B 111 -12.08 -7.13 -11.15
CA GLU B 111 -12.55 -8.30 -11.93
CA GLU B 111 -12.47 -8.29 -11.95
C GLU B 111 -12.51 -9.60 -11.13
C GLU B 111 -12.48 -9.58 -11.16
N HIS B 112 -11.48 -9.81 -10.31
CA HIS B 112 -11.42 -11.07 -9.57
C HIS B 112 -12.49 -11.11 -8.49
N VAL B 113 -12.84 -9.97 -7.92
CA VAL B 113 -14.00 -9.96 -7.03
C VAL B 113 -15.25 -10.37 -7.81
N VAL B 114 -15.45 -9.80 -8.99
CA VAL B 114 -16.64 -10.16 -9.77
C VAL B 114 -16.65 -11.66 -10.06
N ASP B 115 -15.50 -12.22 -10.45
CA ASP B 115 -15.40 -13.65 -10.70
C ASP B 115 -15.79 -14.45 -9.46
N THR B 116 -15.32 -14.04 -8.28
CA THR B 116 -15.64 -14.76 -7.06
C THR B 116 -17.12 -14.64 -6.74
N CYS B 117 -17.72 -13.49 -7.03
CA CYS B 117 -19.17 -13.36 -6.84
C CYS B 117 -19.93 -14.31 -7.76
N ARG B 118 -19.47 -14.46 -9.01
CA ARG B 118 -20.08 -15.44 -9.91
C ARG B 118 -19.94 -16.85 -9.36
N LYS B 119 -18.78 -17.18 -8.82
CA LYS B 119 -18.60 -18.49 -8.20
C LYS B 119 -19.55 -18.67 -7.01
N PHE B 120 -19.74 -17.61 -6.22
CA PHE B 120 -20.66 -17.69 -5.09
C PHE B 120 -22.08 -17.97 -5.58
N ILE B 121 -22.51 -17.30 -6.64
CA ILE B 121 -23.81 -17.57 -7.24
C ILE B 121 -23.89 -19.02 -7.72
N LYS B 122 -22.83 -19.50 -8.39
CA LYS B 122 -22.83 -20.88 -8.87
C LYS B 122 -22.96 -21.88 -7.72
N ALA B 123 -22.41 -21.55 -6.56
CA ALA B 123 -22.42 -22.45 -5.41
C ALA B 123 -23.70 -22.36 -4.58
N SER B 124 -24.57 -21.39 -4.82
CA SER B 124 -25.82 -21.30 -4.07
C SER B 124 -27.03 -21.49 -4.96
#